data_2P6W
#
_entry.id   2P6W
#
_cell.length_a   43.229
_cell.length_b   63.017
_cell.length_c   44.772
_cell.angle_alpha   90.00
_cell.angle_beta   115.42
_cell.angle_gamma   90.00
#
_symmetry.space_group_name_H-M   'P 1 21 1'
#
loop_
_entity.id
_entity.type
_entity.pdbx_description
1 polymer 'Putative glycosyltransferase (Mannosyltransferase) involved in glycosylating the PBCV-1 major capsid protein'
2 non-polymer 'MANGANESE (II) ION'
3 non-polymer 'CITRATE ANION'
4 water water
#
_entity_poly.entity_id   1
_entity_poly.type   'polypeptide(L)'
_entity_poly.pdbx_seq_one_letter_code
;ASMTTPCITILSGHFPKETIYARKTKELVEEYCSIHGYNFYYEESEPLETEEHALHFRRSWIIQQAAEKFPSTEWFLWLD
SDVYVNPKNKNKPITSFIDLSDPNILYHTFHEAPWGSYPINTGVKFVHKDALEIEKIVWSLRNEAPWNTFPYEQKTVYEY
VFPRIPGRYIVHDPYTLNCIVKAYPEHVKDALFVHMCGTSRAERDEHMEMVAT
;
_entity_poly.pdbx_strand_id   A
#
# COMPACT_ATOMS: atom_id res chain seq x y z
N PRO A 6 -12.26 -13.33 -0.79
CA PRO A 6 -12.60 -12.39 -1.85
C PRO A 6 -11.53 -12.33 -2.90
N CYS A 7 -11.91 -11.86 -4.09
CA CYS A 7 -10.97 -11.63 -5.15
C CYS A 7 -10.13 -10.41 -4.80
N ILE A 8 -8.83 -10.63 -4.60
CA ILE A 8 -7.90 -9.55 -4.23
C ILE A 8 -6.90 -9.29 -5.35
N THR A 9 -6.67 -8.02 -5.66
CA THR A 9 -5.61 -7.61 -6.59
C THR A 9 -4.62 -6.78 -5.81
N ILE A 10 -3.38 -7.25 -5.74
CA ILE A 10 -2.33 -6.44 -5.13
C ILE A 10 -1.73 -5.60 -6.23
N LEU A 11 -1.51 -4.33 -5.94
CA LEU A 11 -0.90 -3.43 -6.91
C LEU A 11 0.24 -2.65 -6.29
N SER A 12 1.20 -2.31 -7.15
CA SER A 12 2.34 -1.50 -6.75
C SER A 12 2.95 -0.93 -8.01
N GLY A 13 4.15 -0.38 -7.88
CA GLY A 13 4.85 0.12 -9.06
C GLY A 13 6.14 0.75 -8.65
N HIS A 14 7.05 0.91 -9.61
CA HIS A 14 8.31 1.60 -9.38
C HIS A 14 8.94 1.97 -10.70
N PHE A 15 9.59 3.13 -10.71
CA PHE A 15 10.46 3.53 -11.80
C PHE A 15 11.69 4.21 -11.17
N PRO A 16 12.92 3.90 -11.67
CA PRO A 16 13.32 3.04 -12.79
C PRO A 16 13.61 1.58 -12.43
N LYS A 17 13.84 0.75 -13.45
CA LYS A 17 14.05 -0.67 -13.21
C LYS A 17 15.42 -0.95 -12.58
N GLU A 18 16.30 0.07 -12.60
CA GLU A 18 17.65 -0.07 -12.04
C GLU A 18 17.67 -0.12 -10.51
N THR A 19 16.55 0.22 -9.88
CA THR A 19 16.49 0.27 -8.44
C THR A 19 16.31 -1.14 -7.95
N ILE A 20 17.39 -1.70 -7.39
CA ILE A 20 17.44 -3.11 -7.04
C ILE A 20 16.44 -3.53 -5.97
N TYR A 21 16.33 -2.77 -4.89
CA TYR A 21 15.40 -3.20 -3.83
C TYR A 21 13.98 -3.34 -4.35
N ALA A 22 13.59 -2.47 -5.28
CA ALA A 22 12.23 -2.50 -5.80
C ALA A 22 12.03 -3.67 -6.76
N ARG A 23 13.08 -4.07 -7.47
CA ARG A 23 13.00 -5.31 -8.26
C ARG A 23 12.70 -6.46 -7.31
N LYS A 24 13.39 -6.48 -6.17
CA LYS A 24 13.28 -7.60 -5.24
C LYS A 24 11.92 -7.64 -4.55
N THR A 25 11.43 -6.49 -4.08
CA THR A 25 10.11 -6.46 -3.47
C THR A 25 9.05 -6.87 -4.49
N LYS A 26 9.14 -6.35 -5.71
CA LYS A 26 8.22 -6.76 -6.78
C LYS A 26 8.20 -8.29 -6.91
N GLU A 27 9.39 -8.90 -7.00
CA GLU A 27 9.49 -10.37 -7.13
C GLU A 27 8.76 -11.09 -6.02
N LEU A 28 8.96 -10.64 -4.78
CA LEU A 28 8.34 -11.29 -3.62
C LEU A 28 6.82 -11.12 -3.60
N VAL A 29 6.35 -9.93 -3.96
CA VAL A 29 4.90 -9.71 -4.05
C VAL A 29 4.28 -10.55 -5.17
N GLU A 30 4.93 -10.58 -6.34
CA GLU A 30 4.42 -11.38 -7.46
C GLU A 30 4.34 -12.86 -7.05
N GLU A 31 5.38 -13.33 -6.37
CA GLU A 31 5.42 -14.73 -5.93
C GLU A 31 4.26 -14.97 -4.99
N TYR A 32 4.10 -14.04 -4.05
CA TYR A 32 3.02 -14.18 -3.06
C TYR A 32 1.65 -14.28 -3.74
N CYS A 33 1.41 -13.42 -4.73
CA CYS A 33 0.16 -13.47 -5.47
C CYS A 33 -0.07 -14.83 -6.14
N SER A 34 1.00 -15.37 -6.73
CA SER A 34 0.91 -16.66 -7.41
C SER A 34 0.52 -17.79 -6.44
N ILE A 35 1.03 -17.71 -5.20
CA ILE A 35 0.76 -18.74 -4.20
C ILE A 35 -0.73 -18.81 -3.82
N HIS A 36 -1.38 -17.64 -3.74
CA HIS A 36 -2.73 -17.57 -3.22
C HIS A 36 -3.78 -17.25 -4.26
N GLY A 37 -3.35 -17.06 -5.50
CA GLY A 37 -4.30 -16.83 -6.59
C GLY A 37 -4.76 -15.39 -6.66
N TYR A 38 -4.02 -14.48 -6.04
CA TYR A 38 -4.38 -13.05 -6.13
C TYR A 38 -3.89 -12.50 -7.46
N ASN A 39 -4.57 -11.46 -7.95
CA ASN A 39 -4.07 -10.77 -9.15
C ASN A 39 -2.95 -9.85 -8.72
N PHE A 40 -2.03 -9.56 -9.64
CA PHE A 40 -0.92 -8.67 -9.35
C PHE A 40 -0.81 -7.67 -10.51
N TYR A 41 -0.91 -6.38 -10.18
CA TYR A 41 -0.71 -5.29 -11.15
C TYR A 41 0.49 -4.48 -10.74
N TYR A 42 1.42 -4.27 -11.67
CA TYR A 42 2.63 -3.50 -11.36
C TYR A 42 2.88 -2.41 -12.40
N GLU A 43 2.94 -1.15 -11.95
CA GLU A 43 3.14 -0.03 -12.87
C GLU A 43 4.63 0.24 -13.07
N GLU A 44 5.10 0.03 -14.29
CA GLU A 44 6.51 0.21 -14.60
C GLU A 44 6.80 1.52 -15.34
N SER A 45 5.75 2.26 -15.70
CA SER A 45 5.91 3.50 -16.46
C SER A 45 6.56 4.61 -15.63
N GLU A 46 7.30 5.47 -16.31
CA GLU A 46 7.82 6.69 -15.71
C GLU A 46 6.68 7.70 -15.52
N PRO A 47 6.52 8.23 -14.30
CA PRO A 47 5.46 9.21 -14.03
C PRO A 47 5.66 10.45 -14.88
N LEU A 48 4.54 11.02 -15.37
CA LEU A 48 4.58 12.28 -16.10
C LEU A 48 4.76 13.47 -15.16
N GLU A 49 4.23 13.34 -13.94
CA GLU A 49 4.35 14.36 -12.90
C GLU A 49 5.35 13.86 -11.86
N THR A 50 6.52 14.48 -11.81
CA THR A 50 7.63 13.93 -11.05
C THR A 50 7.96 14.64 -9.73
N GLU A 51 7.18 15.68 -9.38
CA GLU A 51 7.33 16.33 -8.07
C GLU A 51 6.94 15.38 -6.92
N GLU A 52 7.54 15.59 -5.76
CA GLU A 52 7.32 14.73 -4.60
C GLU A 52 5.84 14.48 -4.30
N HIS A 53 5.03 15.53 -4.26
CA HIS A 53 3.60 15.34 -3.97
C HIS A 53 2.93 14.44 -5.00
N ALA A 54 3.23 14.68 -6.27
CA ALA A 54 2.58 13.97 -7.35
C ALA A 54 2.99 12.49 -7.35
N LEU A 55 4.24 12.24 -6.99
CA LEU A 55 4.74 10.87 -6.85
C LEU A 55 3.98 10.10 -5.79
N HIS A 56 3.75 10.75 -4.65
CA HIS A 56 3.02 10.07 -3.57
C HIS A 56 1.58 9.76 -4.00
N PHE A 57 0.95 10.71 -4.68
CA PHE A 57 -0.45 10.55 -5.09
C PHE A 57 -0.63 9.50 -6.18
N ARG A 58 0.46 9.14 -6.86
CA ARG A 58 0.36 8.26 -8.03
C ARG A 58 -0.36 6.92 -7.75
N ARG A 59 -0.28 6.41 -6.52
CA ARG A 59 -1.00 5.18 -6.16
C ARG A 59 -2.52 5.26 -6.47
N SER A 60 -3.10 6.45 -6.35
CA SER A 60 -4.53 6.64 -6.60
C SER A 60 -4.87 6.74 -8.09
N TRP A 61 -3.82 6.89 -8.90
CA TRP A 61 -3.94 6.77 -10.35
C TRP A 61 -3.72 5.31 -10.78
N ILE A 62 -2.70 4.68 -10.20
CA ILE A 62 -2.37 3.26 -10.50
C ILE A 62 -3.53 2.31 -10.18
N ILE A 63 -4.31 2.61 -9.14
CA ILE A 63 -5.47 1.77 -8.85
C ILE A 63 -6.46 1.64 -10.03
N GLN A 64 -6.67 2.70 -10.81
CA GLN A 64 -7.52 2.60 -11.99
C GLN A 64 -6.92 1.63 -13.03
N GLN A 65 -5.60 1.65 -13.16
CA GLN A 65 -4.90 0.73 -14.05
C GLN A 65 -5.21 -0.70 -13.65
N ALA A 66 -5.12 -0.96 -12.34
CA ALA A 66 -5.40 -2.29 -11.78
C ALA A 66 -6.85 -2.72 -11.98
N ALA A 67 -7.76 -1.78 -11.79
CA ALA A 67 -9.20 -2.05 -11.97
C ALA A 67 -9.52 -2.38 -13.42
N GLU A 68 -8.88 -1.67 -14.36
CA GLU A 68 -9.11 -1.99 -15.78
C GLU A 68 -8.60 -3.39 -16.13
N LYS A 69 -7.43 -3.73 -15.60
CA LYS A 69 -6.81 -5.02 -15.92
C LYS A 69 -7.57 -6.15 -15.27
N PHE A 70 -8.05 -5.89 -14.05
CA PHE A 70 -8.72 -6.93 -13.24
C PHE A 70 -10.10 -6.47 -12.79
N PRO A 71 -11.06 -6.42 -13.74
CA PRO A 71 -12.37 -5.89 -13.41
C PRO A 71 -13.19 -6.68 -12.36
N SER A 72 -12.84 -7.95 -12.11
CA SER A 72 -13.58 -8.76 -11.13
C SER A 72 -13.11 -8.53 -9.69
N THR A 73 -12.11 -7.66 -9.51
CA THR A 73 -11.55 -7.38 -8.18
C THR A 73 -12.61 -6.91 -7.18
N GLU A 74 -12.58 -7.47 -5.97
CA GLU A 74 -13.39 -6.96 -4.86
C GLU A 74 -12.58 -6.05 -3.96
N TRP A 75 -11.36 -6.49 -3.63
CA TRP A 75 -10.43 -5.70 -2.81
C TRP A 75 -9.14 -5.40 -3.54
N PHE A 76 -8.78 -4.12 -3.60
CA PHE A 76 -7.49 -3.68 -4.14
C PHE A 76 -6.58 -3.43 -2.96
N LEU A 77 -5.35 -3.90 -3.07
CA LEU A 77 -4.38 -3.71 -1.99
C LEU A 77 -3.16 -3.00 -2.58
N TRP A 78 -2.98 -1.73 -2.20
CA TRP A 78 -1.78 -0.98 -2.60
C TRP A 78 -0.63 -1.31 -1.64
N LEU A 79 0.54 -1.65 -2.19
CA LEU A 79 1.78 -1.76 -1.40
C LEU A 79 2.84 -0.86 -1.99
N ASP A 80 3.46 -0.02 -1.16
CA ASP A 80 4.62 0.77 -1.60
C ASP A 80 5.67 -0.18 -2.15
N SER A 81 6.51 0.30 -3.07
CA SER A 81 7.60 -0.55 -3.57
C SER A 81 8.67 -0.82 -2.50
N ASP A 82 8.56 -0.16 -1.35
CA ASP A 82 9.46 -0.43 -0.23
C ASP A 82 8.79 -1.36 0.81
N VAL A 83 7.72 -2.05 0.40
CA VAL A 83 7.08 -3.06 1.24
C VAL A 83 7.35 -4.44 0.63
N TYR A 84 7.62 -5.46 1.45
CA TYR A 84 7.75 -6.79 0.88
C TYR A 84 6.99 -7.83 1.70
N VAL A 85 6.89 -9.02 1.13
CA VAL A 85 6.24 -10.12 1.81
C VAL A 85 7.29 -10.86 2.63
N ASN A 86 7.07 -10.96 3.93
CA ASN A 86 7.95 -11.74 4.83
C ASN A 86 8.01 -13.21 4.37
N PRO A 87 9.20 -13.69 3.95
CA PRO A 87 9.29 -15.08 3.46
C PRO A 87 8.74 -16.11 4.46
N LYS A 88 8.90 -15.87 5.75
CA LYS A 88 8.45 -16.82 6.77
C LYS A 88 6.94 -17.02 6.71
N ASN A 89 6.24 -16.02 6.21
CA ASN A 89 4.77 -16.03 6.17
C ASN A 89 4.13 -16.04 4.78
N LYS A 90 4.94 -16.26 3.75
CA LYS A 90 4.45 -16.18 2.38
C LYS A 90 3.38 -17.24 2.04
N ASN A 91 3.35 -18.34 2.79
CA ASN A 91 2.33 -19.36 2.55
C ASN A 91 1.01 -19.11 3.28
N LYS A 92 0.89 -17.95 3.90
CA LYS A 92 -0.34 -17.62 4.63
C LYS A 92 -1.13 -16.55 3.90
N PRO A 93 -2.44 -16.77 3.70
CA PRO A 93 -3.24 -15.82 2.93
C PRO A 93 -3.53 -14.55 3.72
N ILE A 94 -3.88 -13.49 3.01
CA ILE A 94 -4.12 -12.20 3.62
C ILE A 94 -5.23 -12.29 4.66
N THR A 95 -6.21 -13.15 4.36
CA THR A 95 -7.40 -13.33 5.19
C THR A 95 -7.08 -14.04 6.51
N SER A 96 -5.88 -14.60 6.66
CA SER A 96 -5.46 -15.13 7.95
C SER A 96 -5.06 -14.02 8.91
N PHE A 97 -4.84 -12.81 8.37
CA PHE A 97 -4.33 -11.67 9.13
C PHE A 97 -5.36 -10.56 9.32
N ILE A 98 -6.36 -10.54 8.46
CA ILE A 98 -7.39 -9.50 8.51
C ILE A 98 -8.75 -10.04 8.10
N ASP A 99 -9.79 -9.55 8.78
CA ASP A 99 -11.17 -9.94 8.53
C ASP A 99 -11.75 -8.95 7.51
N LEU A 100 -12.01 -9.43 6.30
CA LEU A 100 -12.56 -8.59 5.22
C LEU A 100 -14.07 -8.82 5.00
N SER A 101 -14.73 -9.42 5.99
CA SER A 101 -16.13 -9.85 5.81
C SER A 101 -17.20 -8.79 5.97
N ASP A 102 -16.88 -7.65 6.59
CA ASP A 102 -17.91 -6.61 6.79
C ASP A 102 -18.19 -5.90 5.46
N PRO A 103 -19.40 -6.06 4.90
CA PRO A 103 -19.68 -5.53 3.59
C PRO A 103 -19.74 -4.00 3.53
N ASN A 104 -19.76 -3.36 4.71
CA ASN A 104 -19.89 -1.90 4.80
C ASN A 104 -18.54 -1.17 4.71
N ILE A 105 -17.44 -1.91 4.83
CA ILE A 105 -16.12 -1.27 4.84
C ILE A 105 -15.57 -1.00 3.43
N LEU A 106 -15.10 0.25 3.22
CA LEU A 106 -14.49 0.69 1.96
C LEU A 106 -12.95 0.78 2.05
N TYR A 107 -12.43 1.03 3.25
CA TYR A 107 -10.97 1.13 3.44
C TYR A 107 -10.52 0.42 4.70
N HIS A 108 -9.45 -0.37 4.59
CA HIS A 108 -8.72 -0.83 5.75
C HIS A 108 -7.36 -0.16 5.74
N THR A 109 -7.03 0.55 6.82
CA THR A 109 -5.77 1.27 6.95
C THR A 109 -5.10 0.91 8.27
N PHE A 110 -3.90 1.44 8.48
CA PHE A 110 -3.05 1.05 9.62
C PHE A 110 -2.42 2.25 10.26
N HIS A 111 -2.40 2.26 11.60
CA HIS A 111 -1.72 3.33 12.30
C HIS A 111 -0.22 3.05 12.36
N GLU A 112 0.52 4.04 12.87
CA GLU A 112 1.99 3.90 13.01
C GLU A 112 2.42 4.42 14.39
N ALA A 113 1.58 4.18 15.39
CA ALA A 113 1.82 4.69 16.74
C ALA A 113 2.68 3.76 17.57
N PRO A 114 3.39 4.30 18.58
CA PRO A 114 3.57 5.71 18.89
C PRO A 114 4.80 6.34 18.20
N TRP A 115 5.42 5.59 17.29
CA TRP A 115 6.73 5.93 16.73
C TRP A 115 6.66 6.80 15.46
N GLY A 116 5.47 6.93 14.89
CA GLY A 116 5.31 7.54 13.56
C GLY A 116 5.10 9.04 13.62
N SER A 117 4.46 9.61 12.59
CA SER A 117 4.21 11.04 12.61
C SER A 117 2.82 11.40 12.11
N TYR A 118 1.99 10.39 11.82
CA TYR A 118 0.65 10.64 11.28
C TYR A 118 -0.33 9.53 11.75
N PRO A 119 -1.64 9.86 11.89
CA PRO A 119 -2.54 8.81 12.38
C PRO A 119 -2.67 7.52 11.55
N ILE A 120 -2.39 7.59 10.25
CA ILE A 120 -2.34 6.37 9.43
C ILE A 120 -1.10 6.39 8.55
N ASN A 121 -0.65 5.18 8.18
CA ASN A 121 0.42 5.06 7.20
C ASN A 121 -0.11 4.27 6.01
N THR A 122 -0.19 4.94 4.85
CA THR A 122 -0.87 4.35 3.69
C THR A 122 0.09 3.61 2.75
N GLY A 123 1.26 3.22 3.27
CA GLY A 123 2.20 2.37 2.52
C GLY A 123 1.59 1.00 2.23
N VAL A 124 0.59 0.64 3.03
CA VAL A 124 -0.26 -0.55 2.83
C VAL A 124 -1.70 -0.07 3.01
N LYS A 125 -2.54 -0.27 1.99
CA LYS A 125 -3.89 0.31 2.00
C LYS A 125 -4.83 -0.57 1.20
N PHE A 126 -5.88 -1.05 1.85
CA PHE A 126 -6.92 -1.85 1.21
C PHE A 126 -8.05 -0.94 0.79
N VAL A 127 -8.45 -1.07 -0.47
CA VAL A 127 -9.50 -0.24 -1.07
C VAL A 127 -10.54 -1.16 -1.73
N HIS A 128 -11.79 -1.08 -1.28
CA HIS A 128 -12.85 -1.90 -1.85
C HIS A 128 -13.18 -1.39 -3.25
N LYS A 129 -13.62 -2.29 -4.12
CA LYS A 129 -13.98 -1.87 -5.48
C LYS A 129 -14.95 -0.70 -5.52
N ASP A 130 -15.81 -0.59 -4.51
CA ASP A 130 -16.83 0.47 -4.50
C ASP A 130 -16.25 1.81 -4.11
N ALA A 131 -14.94 1.84 -3.79
CA ALA A 131 -14.24 3.09 -3.51
C ALA A 131 -13.35 3.53 -4.68
N LEU A 132 -13.48 2.89 -5.84
CA LEU A 132 -12.66 3.32 -6.98
C LEU A 132 -12.96 4.77 -7.38
N GLU A 133 -14.23 5.17 -7.29
CA GLU A 133 -14.57 6.55 -7.66
C GLU A 133 -14.03 7.54 -6.63
N ILE A 134 -13.91 7.07 -5.40
CA ILE A 134 -13.28 7.87 -4.35
C ILE A 134 -11.80 8.07 -4.63
N GLU A 135 -11.12 7.01 -5.03
CA GLU A 135 -9.69 7.14 -5.37
C GLU A 135 -9.50 8.11 -6.54
N LYS A 136 -10.44 8.13 -7.48
CA LYS A 136 -10.38 9.09 -8.56
C LYS A 136 -10.38 10.51 -8.02
N ILE A 137 -11.19 10.76 -6.99
CA ILE A 137 -11.20 12.08 -6.35
C ILE A 137 -9.88 12.35 -5.63
N VAL A 138 -9.35 11.35 -4.93
CA VAL A 138 -8.08 11.52 -4.23
C VAL A 138 -7.02 11.95 -5.25
N TRP A 139 -6.93 11.23 -6.35
CA TRP A 139 -5.97 11.63 -7.40
C TRP A 139 -6.20 13.07 -7.87
N SER A 140 -7.47 13.46 -8.06
CA SER A 140 -7.81 14.80 -8.58
C SER A 140 -7.38 15.91 -7.63
N LEU A 141 -7.18 15.57 -6.36
CA LEU A 141 -6.87 16.59 -5.33
C LEU A 141 -5.38 16.85 -5.23
N ARG A 142 -4.58 16.14 -6.04
CA ARG A 142 -3.12 16.19 -5.90
C ARG A 142 -2.50 17.56 -6.02
N ASN A 143 -3.16 18.44 -6.75
CA ASN A 143 -2.59 19.77 -7.00
C ASN A 143 -3.37 20.90 -6.36
N GLU A 144 -4.13 20.57 -5.31
CA GLU A 144 -4.93 21.54 -4.60
C GLU A 144 -4.51 21.55 -3.12
N ALA A 145 -4.20 22.73 -2.58
CA ALA A 145 -3.94 22.88 -1.15
C ALA A 145 -5.23 22.58 -0.39
N PRO A 146 -5.14 21.93 0.79
CA PRO A 146 -3.93 21.51 1.49
C PRO A 146 -3.47 20.10 1.14
N TRP A 147 -4.17 19.46 0.21
CA TRP A 147 -3.90 18.05 -0.10
C TRP A 147 -2.55 17.85 -0.78
N ASN A 148 -2.07 18.89 -1.45
CA ASN A 148 -0.76 18.87 -2.11
C ASN A 148 0.42 19.10 -1.16
N THR A 149 0.13 19.09 0.15
CA THR A 149 1.18 19.21 1.16
C THR A 149 1.37 17.88 1.88
N PHE A 150 2.58 17.64 2.36
CA PHE A 150 2.92 16.42 3.08
C PHE A 150 1.94 16.16 4.24
N PRO A 151 1.56 14.88 4.47
CA PRO A 151 1.89 13.64 3.73
C PRO A 151 1.03 13.24 2.52
N TYR A 152 0.42 14.23 1.84
CA TYR A 152 -0.10 13.99 0.47
C TYR A 152 -1.32 13.05 0.45
N GLU A 153 -1.27 11.94 -0.29
CA GLU A 153 -2.44 11.04 -0.35
C GLU A 153 -2.80 10.53 1.03
N GLN A 154 -1.80 10.42 1.90
CA GLN A 154 -2.03 9.89 3.23
C GLN A 154 -2.92 10.84 4.04
N LYS A 155 -2.62 12.14 3.94
CA LYS A 155 -3.44 13.16 4.57
C LYS A 155 -4.82 13.26 3.89
N THR A 156 -4.85 13.05 2.58
CA THR A 156 -6.11 13.18 1.85
C THR A 156 -7.07 12.06 2.25
N VAL A 157 -6.55 10.85 2.34
CA VAL A 157 -7.37 9.76 2.82
C VAL A 157 -7.89 10.04 4.23
N TYR A 158 -7.00 10.38 5.16
CA TYR A 158 -7.41 10.55 6.53
C TYR A 158 -8.34 11.76 6.79
N GLU A 159 -8.03 12.88 6.15
CA GLU A 159 -8.69 14.16 6.44
C GLU A 159 -9.74 14.61 5.43
N TYR A 160 -9.69 14.07 4.21
CA TYR A 160 -10.70 14.37 3.21
C TYR A 160 -11.68 13.20 3.06
N VAL A 161 -11.16 11.99 2.85
CA VAL A 161 -12.05 10.85 2.57
C VAL A 161 -12.78 10.39 3.81
N PHE A 162 -12.02 10.10 4.88
CA PHE A 162 -12.63 9.50 6.05
C PHE A 162 -13.84 10.29 6.63
N PRO A 163 -13.72 11.62 6.77
CA PRO A 163 -14.89 12.36 7.28
C PRO A 163 -16.15 12.20 6.45
N ARG A 164 -15.98 11.87 5.17
CA ARG A 164 -17.12 11.79 4.26
C ARG A 164 -17.74 10.40 4.17
N ILE A 165 -17.08 9.41 4.78
CA ILE A 165 -17.56 8.01 4.79
C ILE A 165 -17.58 7.42 6.22
N PRO A 166 -18.29 8.08 7.14
CA PRO A 166 -18.29 7.64 8.52
C PRO A 166 -18.74 6.18 8.61
N GLY A 167 -18.01 5.39 9.40
CA GLY A 167 -18.35 4.00 9.62
C GLY A 167 -17.90 3.04 8.52
N ARG A 168 -17.27 3.56 7.47
CA ARG A 168 -16.94 2.69 6.35
C ARG A 168 -15.42 2.53 6.20
N TYR A 169 -14.70 2.72 7.29
CA TYR A 169 -13.25 2.46 7.30
C TYR A 169 -12.82 1.95 8.66
N ILE A 170 -11.68 1.26 8.67
CA ILE A 170 -11.10 0.78 9.91
C ILE A 170 -9.62 1.14 9.92
N VAL A 171 -9.14 1.60 11.06
CA VAL A 171 -7.70 1.80 11.30
C VAL A 171 -7.28 0.70 12.26
N HIS A 172 -6.41 -0.17 11.75
CA HIS A 172 -5.95 -1.36 12.44
C HIS A 172 -4.54 -1.14 13.00
N ASP A 173 -4.19 -1.93 14.00
CA ASP A 173 -2.79 -2.10 14.41
C ASP A 173 -2.00 -2.52 13.19
N PRO A 174 -0.74 -2.04 13.08
CA PRO A 174 0.08 -2.34 11.92
C PRO A 174 1.03 -3.53 12.02
N TYR A 175 0.99 -4.27 13.12
CA TYR A 175 2.10 -5.18 13.47
C TYR A 175 2.34 -6.28 12.47
N THR A 176 1.28 -6.72 11.78
CA THR A 176 1.43 -7.77 10.78
C THR A 176 1.27 -7.26 9.35
N LEU A 177 0.47 -6.22 9.14
CA LEU A 177 0.14 -5.78 7.78
C LEU A 177 0.80 -4.49 7.28
N ASN A 178 1.40 -3.73 8.18
CA ASN A 178 2.20 -2.58 7.75
C ASN A 178 3.32 -2.43 8.76
N CYS A 179 4.15 -3.48 8.81
CA CYS A 179 5.13 -3.61 9.87
C CYS A 179 6.40 -2.83 9.54
N ILE A 180 6.39 -1.55 9.93
CA ILE A 180 7.52 -0.65 9.71
C ILE A 180 8.76 -1.19 10.42
N VAL A 181 9.84 -1.40 9.65
CA VAL A 181 10.99 -2.14 10.17
C VAL A 181 11.66 -1.46 11.36
N LYS A 182 11.92 -0.16 11.25
CA LYS A 182 12.63 0.50 12.34
C LYS A 182 11.79 0.68 13.61
N ALA A 183 10.47 0.77 13.43
CA ALA A 183 9.54 1.08 14.51
C ALA A 183 9.08 -0.15 15.29
N TYR A 184 8.91 -1.27 14.58
CA TYR A 184 8.43 -2.52 15.18
C TYR A 184 9.37 -3.70 14.89
N PRO A 185 10.67 -3.57 15.24
CA PRO A 185 11.67 -4.60 14.90
C PRO A 185 11.28 -5.97 15.44
N GLU A 186 10.63 -5.98 16.61
CA GLU A 186 10.23 -7.20 17.31
C GLU A 186 9.10 -7.97 16.62
N HIS A 187 8.39 -7.29 15.72
CA HIS A 187 7.23 -7.87 15.05
C HIS A 187 7.56 -8.32 13.65
N VAL A 188 8.70 -7.87 13.12
CA VAL A 188 9.08 -8.16 11.73
C VAL A 188 9.04 -9.66 11.42
N LYS A 189 9.60 -10.46 12.33
CA LYS A 189 9.62 -11.93 12.19
C LYS A 189 8.25 -12.55 11.88
N ASP A 190 7.19 -12.00 12.48
CA ASP A 190 5.87 -12.59 12.39
C ASP A 190 4.93 -11.83 11.46
N ALA A 191 5.46 -10.80 10.80
CA ALA A 191 4.61 -9.98 9.92
C ALA A 191 4.29 -10.69 8.62
N LEU A 192 3.26 -10.21 7.92
CA LEU A 192 3.05 -10.59 6.53
C LEU A 192 3.74 -9.54 5.65
N PHE A 193 3.35 -8.28 5.82
CA PHE A 193 3.93 -7.16 5.04
C PHE A 193 4.91 -6.34 5.87
N VAL A 194 6.16 -6.30 5.41
CA VAL A 194 7.21 -5.61 6.13
C VAL A 194 7.52 -4.30 5.37
N HIS A 195 7.55 -3.17 6.06
CA HIS A 195 7.59 -1.89 5.38
C HIS A 195 8.90 -1.15 5.69
N MET A 196 9.77 -1.03 4.68
CA MET A 196 11.04 -0.32 4.86
C MET A 196 10.84 1.19 4.75
N CYS A 197 10.08 1.74 5.69
CA CYS A 197 9.63 3.12 5.62
C CYS A 197 10.72 4.10 6.01
N GLY A 198 10.89 5.17 5.22
CA GLY A 198 11.75 6.30 5.61
C GLY A 198 13.23 6.13 5.38
N THR A 199 13.61 5.01 4.79
CA THR A 199 15.04 4.71 4.61
C THR A 199 15.46 5.00 3.16
N SER A 200 16.77 5.01 2.93
CA SER A 200 17.34 5.35 1.63
C SER A 200 17.37 4.14 0.69
N ARG A 201 17.61 4.40 -0.59
CA ARG A 201 17.65 3.32 -1.58
C ARG A 201 18.75 2.32 -1.25
N ALA A 202 19.93 2.82 -0.91
CA ALA A 202 21.07 1.94 -0.63
C ALA A 202 20.81 1.12 0.62
N GLU A 203 20.15 1.73 1.61
CA GLU A 203 19.80 1.06 2.87
C GLU A 203 18.79 -0.04 2.59
N ARG A 204 17.81 0.26 1.74
CA ARG A 204 16.84 -0.74 1.28
C ARG A 204 17.44 -1.88 0.46
N ASP A 205 18.38 -1.57 -0.44
CA ASP A 205 19.10 -2.61 -1.18
C ASP A 205 19.77 -3.54 -0.19
N GLU A 206 20.44 -2.96 0.81
CA GLU A 206 21.17 -3.75 1.79
C GLU A 206 20.22 -4.61 2.63
N HIS A 207 19.07 -4.06 3.01
CA HIS A 207 18.07 -4.83 3.75
C HIS A 207 17.59 -6.00 2.90
N MET A 208 17.25 -5.72 1.65
CA MET A 208 16.69 -6.76 0.80
C MET A 208 17.65 -7.91 0.54
N GLU A 209 18.95 -7.62 0.50
CA GLU A 209 19.98 -8.64 0.35
C GLU A 209 19.96 -9.66 1.48
N MET A 210 19.56 -9.21 2.68
CA MET A 210 19.50 -10.08 3.84
C MET A 210 18.20 -10.87 3.90
N VAL A 211 17.21 -10.42 3.13
CA VAL A 211 15.93 -11.12 3.01
C VAL A 211 16.07 -12.37 2.15
#